data_8BSA
#
_entry.id   8BSA
#
_cell.length_a   38.499
_cell.length_b   44.557
_cell.length_c   55.337
_cell.angle_alpha   75.810
_cell.angle_beta   84.490
_cell.angle_gamma   74.740
#
_symmetry.space_group_name_H-M   'P 1'
#
loop_
_entity.id
_entity.type
_entity.pdbx_description
1 polymer 'Methyl-accepting chemotaxis protein'
2 non-polymer D-ARGININE
3 water water
#
_entity_poly.entity_id   1
_entity_poly.type   'polypeptide(L)'
_entity_poly.pdbx_seq_one_letter_code
;GPLGSSELDKIQSELLNYTDDTLPAMENVDAIKDKMSYWRRTQFAVLPMKDEAQIRQTIERNNRVQAEINDSLVAYGKTV
WPGEEEQTFKRLMGNWNAYTAVTDQFNQTLLTQGADDAYPILANSLSTFEALESDFTLLIGILHQAMDSNKVQILSSVKT
LNSTSEFPGRLERPHRD
;
_entity_poly.pdbx_strand_id   A,B
#
# COMPACT_ATOMS: atom_id res chain seq x y z
N SER A 6 -18.45 -1.83 41.16
CA SER A 6 -19.81 -1.99 40.69
C SER A 6 -19.87 -2.75 39.36
N GLU A 7 -20.97 -3.49 39.18
CA GLU A 7 -21.18 -4.22 37.94
C GLU A 7 -21.27 -3.28 36.74
N LEU A 8 -21.82 -2.09 36.96
CA LEU A 8 -21.99 -1.12 35.89
C LEU A 8 -20.66 -0.46 35.53
N ASP A 9 -19.83 -0.14 36.52
CA ASP A 9 -18.48 0.30 36.18
C ASP A 9 -17.69 -0.79 35.47
N LYS A 10 -17.98 -2.07 35.73
CA LYS A 10 -17.30 -3.14 35.02
C LYS A 10 -17.61 -3.07 33.54
N ILE A 11 -18.87 -2.81 33.20
CA ILE A 11 -19.25 -2.63 31.80
C ILE A 11 -18.47 -1.47 31.20
N GLN A 12 -18.46 -0.34 31.91
CA GLN A 12 -17.75 0.82 31.37
C GLN A 12 -16.28 0.54 31.17
N SER A 13 -15.65 -0.13 32.14
CA SER A 13 -14.21 -0.33 32.03
C SER A 13 -13.89 -1.35 30.93
N GLU A 14 -14.68 -2.43 30.84
CA GLU A 14 -14.49 -3.37 29.75
C GLU A 14 -14.69 -2.69 28.41
N LEU A 15 -15.71 -1.83 28.29
CA LEU A 15 -15.93 -1.11 27.06
C LEU A 15 -14.76 -0.17 26.75
N LEU A 16 -14.28 0.56 27.77
CA LEU A 16 -13.21 1.53 27.54
C LEU A 16 -11.93 0.83 27.13
N ASN A 17 -11.62 -0.30 27.75
CA ASN A 17 -10.46 -1.07 27.35
C ASN A 17 -10.59 -1.55 25.90
N TYR A 18 -11.81 -1.89 25.48
CA TYR A 18 -12.03 -2.39 24.12
C TYR A 18 -11.90 -1.27 23.10
N THR A 19 -12.56 -0.14 23.38
CA THR A 19 -12.62 0.97 22.43
C THR A 19 -11.30 1.73 22.40
N ASP A 20 -10.65 1.89 23.55
CA ASP A 20 -9.50 2.78 23.66
C ASP A 20 -8.16 2.08 23.77
N ASP A 21 -8.15 0.76 23.99
CA ASP A 21 -6.89 0.03 23.97
C ASP A 21 -6.89 -1.05 22.91
N THR A 22 -7.82 -2.00 22.99
CA THR A 22 -7.76 -3.15 22.08
C THR A 22 -7.99 -2.73 20.65
N LEU A 23 -9.08 -2.02 20.39
CA LEU A 23 -9.39 -1.66 19.01
C LEU A 23 -8.29 -0.81 18.41
N PRO A 24 -7.79 0.22 19.09
CA PRO A 24 -6.69 0.99 18.49
C PRO A 24 -5.47 0.13 18.23
N ALA A 25 -5.16 -0.80 19.13
CA ALA A 25 -4.06 -1.72 18.85
C ALA A 25 -4.32 -2.45 17.55
N MET A 26 -5.51 -3.07 17.44
CA MET A 26 -5.79 -3.88 16.27
C MET A 26 -5.77 -3.03 15.02
N GLU A 27 -6.42 -1.86 15.06
CA GLU A 27 -6.42 -0.97 13.92
C GLU A 27 -5.00 -0.57 13.54
N ASN A 28 -4.16 -0.28 14.53
CA ASN A 28 -2.79 0.13 14.26
C ASN A 28 -1.94 -0.99 13.68
N VAL A 29 -1.99 -2.16 14.30
CA VAL A 29 -1.21 -3.26 13.75
C VAL A 29 -1.69 -3.61 12.35
N ASP A 30 -3.00 -3.62 12.16
CA ASP A 30 -3.53 -3.89 10.83
C ASP A 30 -3.00 -2.87 9.83
N ALA A 31 -3.01 -1.60 10.21
CA ALA A 31 -2.57 -0.57 9.27
C ALA A 31 -1.08 -0.69 9.02
N ILE A 32 -0.30 -1.05 10.04
CA ILE A 32 1.13 -1.21 9.84
C ILE A 32 1.39 -2.41 8.94
N LYS A 33 0.69 -3.52 9.17
CA LYS A 33 0.83 -4.68 8.32
C LYS A 33 0.46 -4.32 6.88
N ASP A 34 -0.62 -3.56 6.70
CA ASP A 34 -0.99 -3.15 5.36
C ASP A 34 0.10 -2.31 4.73
N LYS A 35 0.61 -1.32 5.47
CA LYS A 35 1.66 -0.46 4.96
C LYS A 35 2.91 -1.27 4.67
N MET A 36 3.30 -2.16 5.58
CA MET A 36 4.47 -3.01 5.36
C MET A 36 4.30 -3.83 4.10
N SER A 37 3.10 -4.39 3.89
CA SER A 37 2.86 -5.25 2.74
C SER A 37 2.95 -4.44 1.44
N TYR A 38 2.32 -3.27 1.42
CA TYR A 38 2.45 -2.35 0.31
C TYR A 38 3.91 -1.97 0.09
N TRP A 39 4.61 -1.62 1.17
CA TRP A 39 6.02 -1.24 1.06
C TRP A 39 6.84 -2.36 0.45
N ARG A 40 6.56 -3.60 0.86
CA ARG A 40 7.24 -4.76 0.31
C ARG A 40 7.03 -4.86 -1.19
N ARG A 41 5.79 -4.67 -1.65
CA ARG A 41 5.55 -4.76 -3.09
C ARG A 41 6.20 -3.60 -3.85
N THR A 42 6.29 -2.41 -3.24
CA THR A 42 7.02 -1.35 -3.92
C THR A 42 8.51 -1.65 -4.03
N GLN A 43 9.06 -2.51 -3.18
CA GLN A 43 10.45 -2.90 -3.38
C GLN A 43 10.60 -3.73 -4.64
N PHE A 44 9.69 -4.68 -4.87
CA PHE A 44 9.67 -5.35 -6.15
C PHE A 44 9.23 -4.40 -7.26
N ALA A 45 8.35 -3.45 -6.94
CA ALA A 45 7.84 -2.57 -7.98
C ALA A 45 8.92 -1.70 -8.61
N VAL A 46 10.02 -1.45 -7.90
CA VAL A 46 11.06 -0.57 -8.41
C VAL A 46 12.05 -1.32 -9.30
N LEU A 47 11.86 -2.62 -9.52
CA LEU A 47 12.85 -3.44 -10.20
C LEU A 47 12.69 -3.37 -11.72
N PRO A 48 11.47 -3.45 -12.24
CA PRO A 48 11.28 -3.21 -13.68
C PRO A 48 11.59 -1.79 -14.12
N MET A 49 11.88 -0.89 -13.19
CA MET A 49 12.08 0.52 -13.53
C MET A 49 13.40 0.71 -14.24
N LYS A 50 13.38 1.56 -15.27
CA LYS A 50 14.53 1.80 -16.13
C LYS A 50 15.20 3.14 -15.84
N ASP A 51 14.43 4.21 -15.65
CA ASP A 51 15.01 5.54 -15.43
C ASP A 51 15.61 5.61 -14.03
N GLU A 52 16.92 5.89 -13.97
CA GLU A 52 17.62 5.84 -12.70
C GLU A 52 17.13 6.91 -11.72
N ALA A 53 16.66 8.04 -12.22
CA ALA A 53 16.14 9.07 -11.32
C ALA A 53 14.76 8.68 -10.76
N GLN A 54 13.94 7.99 -11.56
CA GLN A 54 12.68 7.44 -11.06
C GLN A 54 12.95 6.27 -10.13
N ILE A 55 14.00 5.50 -10.37
CA ILE A 55 14.42 4.51 -9.38
C ILE A 55 14.79 5.21 -8.08
N ARG A 56 15.72 6.18 -8.17
CA ARG A 56 16.09 6.96 -6.99
C ARG A 56 14.87 7.48 -6.26
N GLN A 57 13.95 8.13 -6.99
CA GLN A 57 12.76 8.70 -6.38
C GLN A 57 11.99 7.65 -5.58
N THR A 58 11.72 6.51 -6.22
CA THR A 58 10.89 5.49 -5.61
C THR A 58 11.56 4.94 -4.36
N ILE A 59 12.87 4.74 -4.42
CA ILE A 59 13.57 4.28 -3.23
C ILE A 59 13.45 5.30 -2.11
N GLU A 60 13.58 6.60 -2.44
CA GLU A 60 13.37 7.63 -1.41
C GLU A 60 11.97 7.54 -0.82
N ARG A 61 10.96 7.41 -1.68
CA ARG A 61 9.60 7.28 -1.16
C ARG A 61 9.46 6.00 -0.35
N ASN A 62 10.05 4.90 -0.82
CA ASN A 62 9.99 3.64 -0.09
C ASN A 62 10.66 3.78 1.28
N ASN A 63 11.80 4.47 1.32
CA ASN A 63 12.49 4.68 2.58
C ASN A 63 11.66 5.55 3.53
N ARG A 64 10.94 6.53 2.99
CA ARG A 64 10.04 7.31 3.83
C ARG A 64 8.99 6.42 4.45
N VAL A 65 8.41 5.52 3.64
CA VAL A 65 7.42 4.58 4.14
C VAL A 65 8.05 3.63 5.15
N GLN A 66 9.28 3.18 4.89
CA GLN A 66 9.96 2.34 5.87
C GLN A 66 10.01 3.02 7.24
N ALA A 67 10.45 4.29 7.26
CA ALA A 67 10.59 5.00 8.52
C ALA A 67 9.23 5.17 9.20
N GLU A 68 8.20 5.45 8.40
CA GLU A 68 6.85 5.49 8.94
C GLU A 68 6.48 4.16 9.58
N ILE A 69 6.69 3.07 8.86
CA ILE A 69 6.45 1.76 9.45
C ILE A 69 7.22 1.62 10.74
N ASN A 70 8.48 2.03 10.72
CA ASN A 70 9.32 1.86 11.88
C ASN A 70 8.81 2.70 13.04
N ASP A 71 8.49 3.96 12.77
CA ASP A 71 7.95 4.83 13.80
C ASP A 71 6.65 4.26 14.36
N SER A 72 5.77 3.77 13.49
CA SER A 72 4.53 3.16 13.96
C SER A 72 4.82 1.93 14.79
N LEU A 73 5.77 1.11 14.38
CA LEU A 73 6.12 -0.05 15.20
C LEU A 73 6.65 0.39 16.56
N VAL A 74 7.57 1.35 16.57
CA VAL A 74 8.11 1.81 17.84
C VAL A 74 7.00 2.33 18.75
N ALA A 75 6.09 3.15 18.19
CA ALA A 75 4.99 3.64 19.02
C ALA A 75 4.11 2.50 19.47
N TYR A 76 3.79 1.57 18.57
CA TYR A 76 2.97 0.46 18.97
C TYR A 76 3.62 -0.35 20.08
N GLY A 77 4.94 -0.53 20.03
CA GLY A 77 5.62 -1.28 21.07
C GLY A 77 5.51 -0.67 22.46
N LYS A 78 5.18 0.61 22.56
CA LYS A 78 5.00 1.23 23.86
C LYS A 78 3.66 0.86 24.47
N THR A 79 2.72 0.38 23.65
CA THR A 79 1.39 0.03 24.11
C THR A 79 1.20 -1.45 24.38
N VAL A 80 2.19 -2.29 24.04
CA VAL A 80 1.97 -3.73 24.14
C VAL A 80 1.84 -4.15 25.59
N TRP A 81 1.02 -5.14 25.82
CA TRP A 81 0.86 -5.72 27.14
C TRP A 81 1.89 -6.82 27.35
N PRO A 82 2.22 -7.10 28.60
CA PRO A 82 3.17 -8.17 28.87
C PRO A 82 2.63 -9.51 28.41
N GLY A 83 3.53 -10.48 28.30
CA GLY A 83 3.10 -11.79 27.87
C GLY A 83 3.30 -11.97 26.39
N GLU A 84 2.42 -12.74 25.75
CA GLU A 84 2.67 -13.17 24.38
C GLU A 84 2.81 -11.97 23.44
N GLU A 85 2.02 -10.92 23.66
CA GLU A 85 2.08 -9.77 22.75
C GLU A 85 3.45 -9.08 22.79
N GLU A 86 3.91 -8.72 23.98
CA GLU A 86 5.24 -8.12 24.08
C GLU A 86 6.30 -9.03 23.52
N GLN A 87 6.22 -10.34 23.84
CA GLN A 87 7.19 -11.29 23.33
C GLN A 87 7.15 -11.33 21.81
N THR A 88 5.94 -11.36 21.26
CA THR A 88 5.78 -11.40 19.82
C THR A 88 6.26 -10.08 19.21
N PHE A 89 5.96 -8.97 19.87
CA PHE A 89 6.38 -7.69 19.32
C PHE A 89 7.90 -7.58 19.33
N LYS A 90 8.53 -8.04 20.40
CA LYS A 90 9.99 -8.08 20.45
C LYS A 90 10.55 -8.90 19.31
N ARG A 91 9.97 -10.06 19.04
CA ARG A 91 10.45 -10.86 17.93
C ARG A 91 10.26 -10.13 16.63
N LEU A 92 9.08 -9.54 16.45
CA LEU A 92 8.78 -8.78 15.25
C LEU A 92 9.81 -7.68 15.02
N MET A 93 10.19 -6.97 16.08
CA MET A 93 11.18 -5.91 15.94
C MET A 93 12.54 -6.47 15.53
N GLY A 94 12.91 -7.65 16.03
CA GLY A 94 14.10 -8.30 15.53
C GLY A 94 14.01 -8.61 14.06
N ASN A 95 12.89 -9.17 13.62
CA ASN A 95 12.76 -9.51 12.21
C ASN A 95 12.61 -8.27 11.35
N TRP A 96 12.03 -7.22 11.92
CA TRP A 96 11.96 -5.94 11.23
C TRP A 96 13.35 -5.37 11.00
N ASN A 97 14.16 -5.37 12.05
CA ASN A 97 15.53 -4.90 11.90
C ASN A 97 16.29 -5.78 10.90
N ALA A 98 16.16 -7.10 11.02
CA ALA A 98 16.72 -7.99 10.00
C ALA A 98 16.28 -7.54 8.62
N TYR A 99 14.98 -7.36 8.44
CA TYR A 99 14.48 -7.07 7.11
C TYR A 99 14.90 -5.68 6.64
N THR A 100 14.93 -4.69 7.53
CA THR A 100 15.40 -3.39 7.08
C THR A 100 16.90 -3.41 6.79
N ALA A 101 17.66 -4.27 7.47
CA ALA A 101 19.06 -4.47 7.08
C ALA A 101 19.15 -5.04 5.67
N VAL A 102 18.33 -6.05 5.36
CA VAL A 102 18.27 -6.55 3.99
C VAL A 102 17.85 -5.43 3.06
N THR A 103 16.83 -4.67 3.46
CA THR A 103 16.30 -3.61 2.60
C THR A 103 17.34 -2.56 2.31
N ASP A 104 18.10 -2.15 3.32
CA ASP A 104 19.15 -1.19 3.06
C ASP A 104 20.19 -1.77 2.12
N GLN A 105 20.43 -3.09 2.17
CA GLN A 105 21.35 -3.71 1.22
C GLN A 105 20.73 -3.73 -0.17
N PHE A 106 19.46 -4.10 -0.26
CA PHE A 106 18.74 -4.06 -1.53
C PHE A 106 18.81 -2.66 -2.15
N ASN A 107 18.48 -1.64 -1.36
CA ASN A 107 18.47 -0.27 -1.88
C ASN A 107 19.86 0.14 -2.37
N GLN A 108 20.87 -0.09 -1.52
CA GLN A 108 22.24 0.21 -1.90
C GLN A 108 22.62 -0.48 -3.19
N THR A 109 22.15 -1.73 -3.37
CA THR A 109 22.46 -2.49 -4.57
C THR A 109 21.60 -2.06 -5.75
N LEU A 110 20.32 -1.73 -5.53
CA LEU A 110 19.51 -1.24 -6.63
C LEU A 110 20.06 0.08 -7.15
N LEU A 111 20.54 0.95 -6.24
CA LEU A 111 21.00 2.28 -6.64
C LEU A 111 22.33 2.21 -7.36
N THR A 112 23.12 1.16 -7.12
CA THR A 112 24.49 1.07 -7.59
C THR A 112 24.65 0.13 -8.78
N GLN A 113 24.10 -1.09 -8.69
CA GLN A 113 24.29 -2.10 -9.71
C GLN A 113 23.07 -2.33 -10.60
N GLY A 114 21.88 -1.99 -10.12
CA GLY A 114 20.66 -2.13 -10.91
C GLY A 114 19.82 -3.31 -10.44
N ALA A 115 18.61 -3.36 -11.01
CA ALA A 115 17.63 -4.33 -10.53
C ALA A 115 18.12 -5.78 -10.71
N ASP A 116 18.97 -6.03 -11.70
CA ASP A 116 19.42 -7.41 -11.95
C ASP A 116 20.11 -8.01 -10.72
N ASP A 117 20.96 -7.23 -10.05
CA ASP A 117 21.68 -7.66 -8.86
C ASP A 117 20.95 -7.33 -7.56
N ALA A 118 19.93 -6.48 -7.63
CA ALA A 118 19.16 -6.16 -6.43
C ALA A 118 18.09 -7.21 -6.16
N TYR A 119 17.46 -7.72 -7.23
CA TYR A 119 16.35 -8.65 -7.07
C TYR A 119 16.71 -9.88 -6.26
N PRO A 120 17.91 -10.45 -6.40
CA PRO A 120 18.25 -11.63 -5.57
C PRO A 120 18.24 -11.34 -4.08
N ILE A 121 18.54 -10.11 -3.66
CA ILE A 121 18.53 -9.84 -2.22
C ILE A 121 17.16 -10.13 -1.64
N LEU A 122 16.12 -9.64 -2.30
CA LEU A 122 14.77 -9.93 -1.85
C LEU A 122 14.42 -11.40 -2.07
N ALA A 123 14.79 -11.95 -3.23
CA ALA A 123 14.40 -13.32 -3.57
C ALA A 123 15.01 -14.34 -2.62
N ASN A 124 16.24 -14.10 -2.16
CA ASN A 124 16.91 -15.09 -1.32
C ASN A 124 16.70 -14.88 0.17
N SER A 125 16.14 -13.74 0.56
CA SER A 125 15.90 -13.38 1.95
C SER A 125 14.46 -13.60 2.37
N LEU A 126 13.75 -14.52 1.70
CA LEU A 126 12.36 -14.77 2.05
C LEU A 126 12.20 -15.22 3.48
N SER A 127 13.13 -16.02 4.00
CA SER A 127 12.98 -16.47 5.38
C SER A 127 13.01 -15.27 6.33
N THR A 128 13.79 -14.24 6.00
CA THR A 128 13.85 -13.02 6.81
C THR A 128 12.52 -12.28 6.76
N PHE A 129 11.99 -12.09 5.56
CA PHE A 129 10.74 -11.39 5.44
C PHE A 129 9.58 -12.22 5.97
N GLU A 130 9.60 -13.53 5.71
CA GLU A 130 8.48 -14.37 6.14
C GLU A 130 8.38 -14.38 7.67
N ALA A 131 9.52 -14.39 8.35
CA ALA A 131 9.52 -14.31 9.81
C ALA A 131 8.90 -13.00 10.28
N LEU A 132 9.17 -11.90 9.58
CA LEU A 132 8.56 -10.63 9.93
C LEU A 132 7.06 -10.71 9.73
N GLU A 133 6.64 -11.21 8.57
CA GLU A 133 5.23 -11.38 8.27
C GLU A 133 4.55 -12.26 9.31
N SER A 134 5.15 -13.38 9.66
CA SER A 134 4.47 -14.27 10.59
C SER A 134 4.35 -13.62 11.97
N ASP A 135 5.27 -12.73 12.33
CA ASP A 135 5.10 -12.03 13.60
C ASP A 135 3.89 -11.10 13.56
N PHE A 136 3.69 -10.39 12.44
CA PHE A 136 2.48 -9.59 12.29
C PHE A 136 1.25 -10.48 12.39
N THR A 137 1.29 -11.61 11.69
CA THR A 137 0.15 -12.53 11.71
C THR A 137 -0.14 -12.97 13.14
N LEU A 138 0.90 -13.38 13.88
CA LEU A 138 0.68 -13.82 15.25
C LEU A 138 0.19 -12.68 16.12
N LEU A 139 0.74 -11.49 15.90
CA LEU A 139 0.31 -10.32 16.66
C LEU A 139 -1.15 -10.00 16.36
N ILE A 140 -1.52 -10.00 15.07
CA ILE A 140 -2.91 -9.78 14.71
C ILE A 140 -3.78 -10.86 15.31
N GLY A 141 -3.28 -12.10 15.39
CA GLY A 141 -4.04 -13.16 16.03
C GLY A 141 -4.26 -12.88 17.50
N ILE A 142 -3.22 -12.40 18.18
CA ILE A 142 -3.35 -12.04 19.58
C ILE A 142 -4.38 -10.94 19.76
N LEU A 143 -4.33 -9.92 18.92
CA LEU A 143 -5.28 -8.81 19.06
C LEU A 143 -6.68 -9.22 18.64
N HIS A 144 -6.81 -10.08 17.63
CA HIS A 144 -8.14 -10.62 17.32
C HIS A 144 -8.70 -11.38 18.51
N GLN A 145 -7.85 -12.17 19.16
CA GLN A 145 -8.26 -12.86 20.37
C GLN A 145 -8.65 -11.87 21.45
N ALA A 146 -7.87 -10.80 21.60
CA ALA A 146 -8.21 -9.80 22.61
C ALA A 146 -9.55 -9.15 22.31
N MET A 147 -9.79 -8.79 21.05
CA MET A 147 -11.07 -8.21 20.68
C MET A 147 -12.21 -9.13 21.04
N ASP A 148 -12.10 -10.42 20.70
CA ASP A 148 -13.23 -11.27 20.95
C ASP A 148 -13.39 -11.53 22.44
N SER A 149 -12.27 -11.68 23.15
CA SER A 149 -12.31 -11.82 24.60
C SER A 149 -12.91 -10.56 25.23
N ASN A 150 -12.56 -9.38 24.71
CA ASN A 150 -13.15 -8.15 25.22
C ASN A 150 -14.66 -8.16 25.04
N LYS A 151 -15.11 -8.52 23.83
CA LYS A 151 -16.54 -8.54 23.55
C LYS A 151 -17.25 -9.54 24.45
N VAL A 152 -16.63 -10.69 24.69
CA VAL A 152 -17.22 -11.64 25.63
C VAL A 152 -17.32 -11.00 27.01
N GLN A 153 -16.25 -10.34 27.46
CA GLN A 153 -16.29 -9.70 28.77
C GLN A 153 -17.39 -8.66 28.83
N ILE A 154 -17.49 -7.82 27.80
CA ILE A 154 -18.50 -6.78 27.79
C ILE A 154 -19.89 -7.39 27.83
N LEU A 155 -20.15 -8.32 26.93
CA LEU A 155 -21.44 -9.00 26.90
C LEU A 155 -21.74 -9.64 28.24
N SER A 156 -20.75 -10.32 28.81
CA SER A 156 -20.94 -10.89 30.13
C SER A 156 -21.28 -9.81 31.15
N SER A 157 -20.53 -8.71 31.17
CA SER A 157 -20.78 -7.72 32.23
C SER A 157 -22.14 -7.05 32.10
N VAL A 158 -22.76 -7.06 30.91
CA VAL A 158 -24.10 -6.51 30.72
C VAL A 158 -25.18 -7.43 31.27
N LYS A 159 -24.83 -8.66 31.65
CA LYS A 159 -25.80 -9.50 32.31
C LYS A 159 -26.43 -8.82 33.51
N THR A 160 -25.70 -7.92 34.17
CA THR A 160 -26.27 -7.22 35.32
C THR A 160 -27.53 -6.44 34.94
N LEU A 161 -27.66 -6.05 33.67
CA LEU A 161 -28.84 -5.31 33.23
C LEU A 161 -30.05 -6.22 33.02
N ASN A 162 -29.87 -7.53 33.00
CA ASN A 162 -30.97 -8.47 32.90
C ASN A 162 -31.49 -8.87 34.28
N SER A 163 -30.94 -8.26 35.33
CA SER A 163 -31.30 -8.53 36.72
C SER A 163 -32.34 -7.56 37.27
N SER B 6 16.13 -2.88 -41.92
CA SER B 6 16.77 -4.20 -41.78
C SER B 6 15.89 -5.07 -40.87
N GLU B 7 16.00 -6.40 -41.01
CA GLU B 7 15.21 -7.31 -40.20
C GLU B 7 15.83 -7.59 -38.84
N LEU B 8 17.16 -7.52 -38.74
CA LEU B 8 17.80 -7.63 -37.43
C LEU B 8 17.58 -6.36 -36.61
N ASP B 9 17.67 -5.20 -37.26
CA ASP B 9 17.29 -3.94 -36.62
C ASP B 9 15.88 -4.02 -36.04
N LYS B 10 14.95 -4.60 -36.81
CA LYS B 10 13.57 -4.72 -36.33
C LYS B 10 13.49 -5.52 -35.04
N ILE B 11 14.21 -6.64 -34.97
CA ILE B 11 14.25 -7.37 -33.71
C ILE B 11 14.73 -6.46 -32.59
N GLN B 12 15.84 -5.75 -32.82
CA GLN B 12 16.38 -4.92 -31.76
C GLN B 12 15.39 -3.85 -31.33
N SER B 13 14.72 -3.22 -32.30
CA SER B 13 13.78 -2.15 -31.96
C SER B 13 12.53 -2.72 -31.30
N GLU B 14 11.98 -3.81 -31.84
CA GLU B 14 10.81 -4.42 -31.22
C GLU B 14 11.15 -4.91 -29.82
N LEU B 15 12.34 -5.47 -29.64
CA LEU B 15 12.73 -5.93 -28.31
C LEU B 15 12.87 -4.75 -27.36
N LEU B 16 13.53 -3.69 -27.80
CA LEU B 16 13.71 -2.51 -26.97
C LEU B 16 12.38 -1.84 -26.65
N ASN B 17 11.51 -1.71 -27.66
CA ASN B 17 10.17 -1.24 -27.38
C ASN B 17 9.53 -2.04 -26.25
N TYR B 18 9.67 -3.36 -26.30
CA TYR B 18 9.00 -4.20 -25.32
C TYR B 18 9.61 -4.06 -23.93
N THR B 19 10.93 -4.10 -23.84
CA THR B 19 11.57 -4.13 -22.53
C THR B 19 11.63 -2.73 -21.91
N ASP B 20 11.74 -1.69 -22.73
CA ASP B 20 11.99 -0.34 -22.24
C ASP B 20 10.76 0.55 -22.25
N ASP B 21 9.73 0.21 -23.05
CA ASP B 21 8.51 1.00 -23.07
C ASP B 21 7.30 0.20 -22.60
N THR B 22 7.00 -0.94 -23.24
CA THR B 22 5.77 -1.66 -22.91
C THR B 22 5.79 -2.20 -21.49
N LEU B 23 6.84 -2.89 -21.11
CA LEU B 23 6.90 -3.57 -19.83
C LEU B 23 7.01 -2.58 -18.68
N PRO B 24 7.84 -1.53 -18.77
CA PRO B 24 7.76 -0.49 -17.72
C PRO B 24 6.39 0.17 -17.65
N ALA B 25 5.75 0.41 -18.79
CA ALA B 25 4.41 1.00 -18.75
C ALA B 25 3.47 0.11 -17.96
N MET B 26 3.47 -1.18 -18.29
CA MET B 26 2.63 -2.14 -17.60
C MET B 26 2.92 -2.13 -16.10
N GLU B 27 4.20 -2.20 -15.74
CA GLU B 27 4.55 -2.28 -14.34
C GLU B 27 4.25 -0.96 -13.62
N ASN B 28 4.43 0.17 -14.32
CA ASN B 28 4.08 1.47 -13.75
C ASN B 28 2.60 1.53 -13.41
N VAL B 29 1.73 1.19 -14.37
CA VAL B 29 0.29 1.23 -14.12
C VAL B 29 -0.07 0.24 -13.02
N ASP B 30 0.49 -0.98 -13.07
CA ASP B 30 0.18 -1.95 -12.04
C ASP B 30 0.58 -1.41 -10.66
N ALA B 31 1.71 -0.72 -10.58
CA ALA B 31 2.18 -0.20 -9.30
C ALA B 31 1.31 0.96 -8.83
N ILE B 32 0.91 1.84 -9.74
CA ILE B 32 0.01 2.93 -9.36
C ILE B 32 -1.31 2.35 -8.88
N LYS B 33 -1.84 1.36 -9.59
CA LYS B 33 -3.08 0.74 -9.15
C LYS B 33 -2.93 0.18 -7.74
N ASP B 34 -1.82 -0.50 -7.49
CA ASP B 34 -1.62 -1.10 -6.19
C ASP B 34 -1.51 -0.01 -5.12
N LYS B 35 -0.80 1.07 -5.43
CA LYS B 35 -0.68 2.19 -4.51
C LYS B 35 -2.01 2.86 -4.31
N MET B 36 -2.77 3.05 -5.38
CA MET B 36 -4.10 3.61 -5.24
C MET B 36 -4.94 2.76 -4.29
N SER B 37 -4.96 1.45 -4.50
CA SER B 37 -5.78 0.59 -3.67
C SER B 37 -5.37 0.69 -2.21
N TYR B 38 -4.07 0.65 -1.95
CA TYR B 38 -3.59 0.84 -0.59
C TYR B 38 -4.00 2.20 -0.06
N TRP B 39 -3.88 3.25 -0.88
CA TRP B 39 -4.21 4.59 -0.43
C TRP B 39 -5.68 4.67 -0.06
N ARG B 40 -6.54 4.03 -0.86
CA ARG B 40 -7.96 3.98 -0.55
C ARG B 40 -8.18 3.36 0.83
N ARG B 41 -7.52 2.24 1.10
CA ARG B 41 -7.70 1.59 2.38
C ARG B 41 -7.28 2.51 3.53
N THR B 42 -6.19 3.26 3.35
CA THR B 42 -5.77 4.15 4.42
C THR B 42 -6.72 5.31 4.62
N GLN B 43 -7.48 5.69 3.59
CA GLN B 43 -8.51 6.71 3.80
C GLN B 43 -9.51 6.21 4.84
N PHE B 44 -9.96 4.97 4.71
CA PHE B 44 -10.89 4.43 5.69
C PHE B 44 -10.23 4.25 7.04
N ALA B 45 -8.91 4.07 7.08
CA ALA B 45 -8.25 3.83 8.36
C ALA B 45 -8.27 5.04 9.26
N VAL B 46 -8.54 6.23 8.72
CA VAL B 46 -8.56 7.40 9.57
C VAL B 46 -9.88 7.48 10.33
N LEU B 47 -10.91 6.78 9.86
CA LEU B 47 -12.24 6.95 10.44
C LEU B 47 -12.29 6.58 11.91
N PRO B 48 -11.73 5.45 12.36
CA PRO B 48 -11.86 5.09 13.79
C PRO B 48 -10.94 5.87 14.70
N MET B 49 -9.91 6.52 14.17
CA MET B 49 -8.98 7.24 15.02
C MET B 49 -9.67 8.36 15.77
N LYS B 50 -9.21 8.58 16.99
CA LYS B 50 -9.74 9.66 17.82
C LYS B 50 -8.70 10.70 18.20
N ASP B 51 -7.43 10.34 18.30
CA ASP B 51 -6.40 11.32 18.59
C ASP B 51 -6.26 12.29 17.42
N GLU B 52 -6.38 13.59 17.69
CA GLU B 52 -6.34 14.55 16.60
C GLU B 52 -4.97 14.57 15.92
N ALA B 53 -3.90 14.41 16.70
CA ALA B 53 -2.56 14.41 16.10
C ALA B 53 -2.39 13.21 15.19
N GLN B 54 -2.82 12.03 15.63
CA GLN B 54 -2.76 10.86 14.77
C GLN B 54 -3.63 11.05 13.54
N ILE B 55 -4.82 11.62 13.70
CA ILE B 55 -5.64 11.91 12.53
C ILE B 55 -4.86 12.82 11.58
N ARG B 56 -4.30 13.90 12.12
CA ARG B 56 -3.57 14.85 11.29
C ARG B 56 -2.41 14.15 10.57
N GLN B 57 -1.58 13.41 11.32
CA GLN B 57 -0.48 12.68 10.70
C GLN B 57 -0.98 11.72 9.63
N THR B 58 -2.08 11.06 9.90
CA THR B 58 -2.58 10.08 8.94
C THR B 58 -3.04 10.75 7.66
N ILE B 59 -3.76 11.86 7.79
CA ILE B 59 -4.22 12.56 6.60
C ILE B 59 -3.05 13.17 5.85
N GLU B 60 -2.05 13.69 6.56
CA GLU B 60 -0.88 14.23 5.86
C GLU B 60 -0.16 13.15 5.06
N ARG B 61 -0.05 11.94 5.62
CA ARG B 61 0.58 10.85 4.88
C ARG B 61 -0.30 10.40 3.73
N ASN B 62 -1.60 10.36 3.96
CA ASN B 62 -2.52 9.99 2.89
C ASN B 62 -2.41 10.99 1.75
N ASN B 63 -2.29 12.26 2.08
CA ASN B 63 -2.22 13.30 1.08
C ASN B 63 -0.89 13.25 0.35
N ARG B 64 0.19 12.91 1.06
CA ARG B 64 1.46 12.71 0.38
C ARG B 64 1.34 11.58 -0.61
N VAL B 65 0.71 10.48 -0.19
CA VAL B 65 0.53 9.35 -1.09
C VAL B 65 -0.34 9.75 -2.27
N GLN B 66 -1.41 10.48 -2.00
CA GLN B 66 -2.25 10.94 -3.10
C GLN B 66 -1.45 11.72 -4.13
N ALA B 67 -0.66 12.68 -3.65
CA ALA B 67 0.14 13.51 -4.53
C ALA B 67 1.15 12.67 -5.29
N GLU B 68 1.71 11.65 -4.63
CA GLU B 68 2.62 10.73 -5.31
C GLU B 68 1.88 9.94 -6.39
N ILE B 69 0.70 9.43 -6.06
CA ILE B 69 -0.12 8.80 -7.09
C ILE B 69 -0.35 9.78 -8.22
N ASN B 70 -0.80 10.99 -7.88
CA ASN B 70 -1.07 11.99 -8.90
C ASN B 70 0.17 12.20 -9.76
N ASP B 71 1.33 12.33 -9.11
CA ASP B 71 2.57 12.59 -9.82
C ASP B 71 2.88 11.45 -10.77
N SER B 72 2.68 10.21 -10.31
CA SER B 72 2.94 9.04 -11.14
C SER B 72 1.98 8.97 -12.30
N LEU B 73 0.71 9.31 -12.09
CA LEU B 73 -0.22 9.35 -13.19
C LEU B 73 0.18 10.40 -14.21
N VAL B 74 0.49 11.61 -13.75
CA VAL B 74 0.86 12.68 -14.67
C VAL B 74 2.08 12.26 -15.49
N ALA B 75 3.10 11.72 -14.83
CA ALA B 75 4.25 11.20 -15.54
C ALA B 75 3.84 10.12 -16.53
N TYR B 76 3.01 9.19 -16.07
CA TYR B 76 2.56 8.12 -16.94
C TYR B 76 1.87 8.69 -18.18
N GLY B 77 1.05 9.71 -17.98
CA GLY B 77 0.26 10.23 -19.08
C GLY B 77 1.10 10.78 -20.21
N LYS B 78 2.29 11.27 -19.91
CA LYS B 78 3.19 11.78 -20.95
C LYS B 78 3.80 10.66 -21.77
N THR B 79 3.74 9.41 -21.29
CA THR B 79 4.24 8.28 -22.05
C THR B 79 3.16 7.55 -22.82
N VAL B 80 1.89 7.87 -22.60
CA VAL B 80 0.83 7.09 -23.21
C VAL B 80 0.89 7.27 -24.73
N TRP B 81 0.50 6.24 -25.43
CA TRP B 81 0.49 6.29 -26.87
C TRP B 81 -0.91 6.61 -27.37
N PRO B 82 -0.99 7.25 -28.52
CA PRO B 82 -2.29 7.66 -29.05
C PRO B 82 -3.26 6.50 -29.11
N GLY B 83 -4.55 6.83 -29.20
CA GLY B 83 -5.56 5.81 -29.34
C GLY B 83 -6.07 5.31 -28.01
N GLU B 84 -6.38 4.02 -27.97
CA GLU B 84 -7.09 3.45 -26.84
C GLU B 84 -6.44 3.81 -25.50
N GLU B 85 -5.12 3.70 -25.41
CA GLU B 85 -4.46 3.95 -24.14
C GLU B 85 -4.64 5.40 -23.71
N GLU B 86 -4.40 6.34 -24.64
CA GLU B 86 -4.55 7.74 -24.30
C GLU B 86 -5.97 8.06 -23.89
N GLN B 87 -6.96 7.59 -24.67
CA GLN B 87 -8.34 7.87 -24.29
C GLN B 87 -8.64 7.31 -22.90
N THR B 88 -8.21 6.07 -22.63
CA THR B 88 -8.46 5.46 -21.34
C THR B 88 -7.77 6.25 -20.24
N PHE B 89 -6.51 6.61 -20.47
CA PHE B 89 -5.79 7.35 -19.46
C PHE B 89 -6.46 8.68 -19.18
N LYS B 90 -6.97 9.34 -20.22
CA LYS B 90 -7.66 10.61 -20.01
C LYS B 90 -8.94 10.40 -19.21
N ARG B 91 -9.67 9.31 -19.46
CA ARG B 91 -10.82 9.00 -18.61
C ARG B 91 -10.35 8.72 -17.20
N LEU B 92 -9.28 7.94 -17.07
CA LEU B 92 -8.72 7.65 -15.76
C LEU B 92 -8.43 8.94 -15.00
N MET B 93 -7.72 9.88 -15.64
CA MET B 93 -7.42 11.13 -14.95
C MET B 93 -8.69 11.88 -14.56
N GLY B 94 -9.70 11.87 -15.42
CA GLY B 94 -10.95 12.48 -15.03
C GLY B 94 -11.50 11.86 -13.77
N ASN B 95 -11.55 10.53 -13.73
CA ASN B 95 -12.03 9.88 -12.52
C ASN B 95 -11.11 10.11 -11.35
N TRP B 96 -9.80 10.17 -11.61
CA TRP B 96 -8.85 10.45 -10.54
C TRP B 96 -9.11 11.83 -9.94
N ASN B 97 -9.22 12.84 -10.79
CA ASN B 97 -9.47 14.19 -10.31
C ASN B 97 -10.83 14.29 -9.63
N ALA B 98 -11.83 13.53 -10.12
CA ALA B 98 -13.10 13.47 -9.42
C ALA B 98 -12.93 12.82 -8.06
N TYR B 99 -12.24 11.68 -8.03
CA TYR B 99 -12.08 10.99 -6.77
C TYR B 99 -11.31 11.85 -5.77
N THR B 100 -10.27 12.55 -6.23
CA THR B 100 -9.55 13.41 -5.28
C THR B 100 -10.37 14.62 -4.87
N ALA B 101 -11.28 15.11 -5.73
CA ALA B 101 -12.18 16.15 -5.26
C ALA B 101 -12.98 15.65 -4.07
N VAL B 102 -13.56 14.45 -4.20
CA VAL B 102 -14.33 13.87 -3.11
C VAL B 102 -13.42 13.59 -1.91
N THR B 103 -12.22 13.09 -2.18
CA THR B 103 -11.24 12.83 -1.13
C THR B 103 -10.92 14.10 -0.36
N ASP B 104 -10.61 15.17 -1.07
CA ASP B 104 -10.26 16.40 -0.38
C ASP B 104 -11.43 16.85 0.48
N GLN B 105 -12.66 16.65 0.00
CA GLN B 105 -13.82 16.98 0.82
C GLN B 105 -13.90 16.07 2.03
N PHE B 106 -13.66 14.79 1.83
CA PHE B 106 -13.64 13.86 2.95
C PHE B 106 -12.66 14.34 4.02
N ASN B 107 -11.42 14.55 3.63
CA ASN B 107 -10.40 15.01 4.56
C ASN B 107 -10.79 16.32 5.23
N GLN B 108 -11.28 17.28 4.45
CA GLN B 108 -11.70 18.54 5.03
C GLN B 108 -12.78 18.32 6.08
N THR B 109 -13.79 17.53 5.73
CA THR B 109 -14.87 17.26 6.67
C THR B 109 -14.35 16.44 7.84
N LEU B 110 -13.47 15.48 7.59
CA LEU B 110 -12.95 14.69 8.70
C LEU B 110 -12.18 15.58 9.68
N LEU B 111 -11.41 16.55 9.17
CA LEU B 111 -10.59 17.37 10.05
C LEU B 111 -11.38 18.47 10.73
N THR B 112 -12.34 19.05 10.05
CA THR B 112 -13.10 20.17 10.56
C THR B 112 -14.33 19.75 11.34
N GLN B 113 -14.80 18.51 11.17
CA GLN B 113 -16.05 18.10 11.80
C GLN B 113 -16.02 16.71 12.41
N GLY B 114 -15.22 15.79 11.91
CA GLY B 114 -15.12 14.48 12.53
C GLY B 114 -15.47 13.34 11.61
N ALA B 115 -14.98 12.15 11.97
CA ALA B 115 -15.18 10.96 11.16
C ALA B 115 -16.65 10.68 10.91
N ASP B 116 -17.50 10.81 11.93
CA ASP B 116 -18.92 10.52 11.74
C ASP B 116 -19.48 11.39 10.62
N ASP B 117 -19.14 12.68 10.63
CA ASP B 117 -19.64 13.64 9.64
C ASP B 117 -19.09 13.34 8.25
N ALA B 118 -17.80 12.99 8.19
CA ALA B 118 -17.11 12.76 6.94
C ALA B 118 -17.48 11.44 6.30
N TYR B 119 -17.79 10.45 7.13
CA TYR B 119 -17.89 9.07 6.66
C TYR B 119 -18.69 8.95 5.39
N PRO B 120 -19.87 9.54 5.26
CA PRO B 120 -20.66 9.33 4.03
C PRO B 120 -19.92 9.79 2.80
N ILE B 121 -19.11 10.83 2.90
CA ILE B 121 -18.40 11.31 1.71
C ILE B 121 -17.56 10.18 1.14
N LEU B 122 -16.81 9.50 1.99
CA LEU B 122 -15.98 8.39 1.54
C LEU B 122 -16.83 7.17 1.23
N ALA B 123 -17.79 6.86 2.11
CA ALA B 123 -18.59 5.65 1.92
C ALA B 123 -19.33 5.67 0.59
N ASN B 124 -19.86 6.83 0.21
CA ASN B 124 -20.68 6.92 -0.99
C ASN B 124 -19.89 7.34 -2.21
N SER B 125 -18.56 7.37 -2.11
CA SER B 125 -17.67 7.64 -3.22
C SER B 125 -17.47 6.42 -4.11
N LEU B 126 -18.09 5.29 -3.78
CA LEU B 126 -17.75 4.04 -4.45
C LEU B 126 -17.79 4.17 -5.96
N SER B 127 -18.89 4.70 -6.50
CA SER B 127 -19.03 4.66 -7.95
C SER B 127 -17.90 5.41 -8.64
N THR B 128 -17.42 6.50 -8.05
CA THR B 128 -16.32 7.24 -8.63
C THR B 128 -15.03 6.45 -8.52
N PHE B 129 -14.81 5.83 -7.37
CA PHE B 129 -13.61 5.02 -7.24
C PHE B 129 -13.66 3.82 -8.18
N GLU B 130 -14.81 3.15 -8.27
CA GLU B 130 -14.87 1.95 -9.10
C GLU B 130 -14.71 2.32 -10.58
N ALA B 131 -15.22 3.48 -10.98
CA ALA B 131 -14.91 4.00 -12.31
C ALA B 131 -13.40 4.17 -12.47
N LEU B 132 -12.76 4.78 -11.49
CA LEU B 132 -11.30 4.89 -11.52
C LEU B 132 -10.69 3.52 -11.67
N GLU B 133 -11.10 2.57 -10.83
CA GLU B 133 -10.52 1.23 -10.87
C GLU B 133 -10.78 0.54 -12.19
N SER B 134 -11.98 0.67 -12.73
CA SER B 134 -12.27 0.02 -13.99
C SER B 134 -11.38 0.59 -15.09
N ASP B 135 -10.98 1.86 -14.96
CA ASP B 135 -10.12 2.48 -15.95
C ASP B 135 -8.71 1.92 -15.84
N PHE B 136 -8.23 1.69 -14.61
CA PHE B 136 -6.94 1.01 -14.43
C PHE B 136 -6.99 -0.40 -14.99
N THR B 137 -8.08 -1.12 -14.73
CA THR B 137 -8.24 -2.44 -15.32
C THR B 137 -8.16 -2.38 -16.83
N LEU B 138 -8.85 -1.41 -17.42
CA LEU B 138 -8.83 -1.28 -18.88
C LEU B 138 -7.44 -0.93 -19.37
N LEU B 139 -6.79 0.03 -18.70
CA LEU B 139 -5.43 0.38 -19.08
C LEU B 139 -4.53 -0.83 -19.00
N ILE B 140 -4.67 -1.63 -17.94
CA ILE B 140 -3.84 -2.81 -17.77
C ILE B 140 -4.10 -3.80 -18.89
N GLY B 141 -5.37 -4.00 -19.26
CA GLY B 141 -5.67 -4.85 -20.40
C GLY B 141 -5.08 -4.32 -21.69
N ILE B 142 -5.11 -3.00 -21.86
CA ILE B 142 -4.52 -2.38 -23.06
C ILE B 142 -3.05 -2.70 -23.13
N LEU B 143 -2.37 -2.57 -21.99
CA LEU B 143 -0.95 -2.81 -21.91
C LEU B 143 -0.64 -4.29 -22.00
N HIS B 144 -1.54 -5.15 -21.50
CA HIS B 144 -1.35 -6.59 -21.67
C HIS B 144 -1.48 -6.97 -23.14
N GLN B 145 -2.44 -6.36 -23.84
CA GLN B 145 -2.58 -6.60 -25.27
C GLN B 145 -1.37 -6.08 -26.04
N ALA B 146 -0.83 -4.94 -25.63
CA ALA B 146 0.41 -4.45 -26.23
C ALA B 146 1.54 -5.44 -26.00
N MET B 147 1.68 -5.94 -24.77
CA MET B 147 2.68 -6.96 -24.50
C MET B 147 2.52 -8.15 -25.45
N ASP B 148 1.31 -8.69 -25.54
CA ASP B 148 1.02 -9.77 -26.47
C ASP B 148 1.49 -9.41 -27.88
N SER B 149 0.98 -8.30 -28.39
CA SER B 149 1.34 -7.86 -29.74
C SER B 149 2.86 -7.76 -29.89
N ASN B 150 3.54 -7.22 -28.88
CA ASN B 150 4.98 -7.04 -28.99
C ASN B 150 5.69 -8.39 -29.10
N LYS B 151 5.26 -9.37 -28.31
CA LYS B 151 5.86 -10.69 -28.37
C LYS B 151 5.68 -11.31 -29.74
N VAL B 152 4.54 -11.04 -30.38
CA VAL B 152 4.33 -11.49 -31.76
C VAL B 152 5.29 -10.77 -32.69
N GLN B 153 5.42 -9.46 -32.55
CA GLN B 153 6.33 -8.70 -33.38
C GLN B 153 7.77 -9.15 -33.16
N ILE B 154 8.12 -9.51 -31.93
CA ILE B 154 9.48 -10.01 -31.69
C ILE B 154 9.64 -11.40 -32.31
N LEU B 155 8.72 -12.32 -31.99
CA LEU B 155 8.78 -13.67 -32.52
C LEU B 155 8.80 -13.63 -34.05
N SER B 156 7.89 -12.85 -34.64
CA SER B 156 7.83 -12.74 -36.09
C SER B 156 9.16 -12.26 -36.66
N SER B 157 9.77 -11.28 -36.02
CA SER B 157 11.03 -10.73 -36.53
C SER B 157 12.18 -11.73 -36.39
N VAL B 158 12.16 -12.52 -35.31
CA VAL B 158 13.16 -13.56 -35.13
C VAL B 158 12.96 -14.72 -36.09
N LYS B 159 11.76 -14.87 -36.66
CA LYS B 159 11.53 -15.84 -37.71
C LYS B 159 12.28 -15.49 -38.98
N THR B 160 12.69 -14.23 -39.15
CA THR B 160 13.45 -13.82 -40.31
C THR B 160 14.90 -14.26 -40.24
N LEU B 161 15.37 -14.67 -39.06
CA LEU B 161 16.75 -15.11 -38.93
C LEU B 161 17.10 -16.22 -39.91
N ASN B 162 16.12 -17.05 -40.29
CA ASN B 162 16.42 -18.09 -41.28
C ASN B 162 15.48 -18.21 -42.49
#